data_5XVQ
#
_entry.id   5XVQ
#
_cell.length_a   42.071
_cell.length_b   65.028
_cell.length_c   91.144
_cell.angle_alpha   90.000
_cell.angle_beta   89.970
_cell.angle_gamma   90.000
#
_symmetry.space_group_name_H-M   'P 1 21 1'
#
loop_
_entity.id
_entity.type
_entity.pdbx_description
1 polymer 'Nicotinamide N-methyltransferase (NNMT)'
2 non-polymer S-ADENOSYL-L-HOMOCYSTEINE
3 non-polymer 3-carbamoyl-1-methylpyridin-1-ium
4 non-polymer GLYCEROL
5 water water
#
_entity_poly.entity_id   1
_entity_poly.type   'polypeptide(L)'
_entity_poly.pdbx_seq_one_letter_code
;MGSSHHHHHHSSGLVPRGSHMESGFTSKDTYLRHFNPRDYLEKYYKFGSRHSAESQILKHLLENLFKIFCLDGVKGDLLI
DIGSGPTIYQLLSACESFKEIIVTDYSDQNLQELEKWLKKEPEAFDWSPVVTYVCDLEGNRVKGPEKEEKLRQAVKQVLK
CDVTQSQPLGAVPLPLADCLLSTLCLDAACPDLPTYRRALRNLGSLLKPGGFLVIMDALKSSYYMIGEQKFSSLPLGREA
VEAAVKEAGYTIEWFEVISQSYSSTMANNEGLFSLVGRKLSRSL
;
_entity_poly.pdbx_strand_id   A,B
#
loop_
_chem_comp.id
_chem_comp.type
_chem_comp.name
_chem_comp.formula
8GC non-polymer 3-carbamoyl-1-methylpyridin-1-ium 'C7 H9 N2 O 1'
GOL non-polymer GLYCEROL 'C3 H8 O3'
#
# COMPACT_ATOMS: atom_id res chain seq x y z
N PHE A 25 -6.65 -8.08 -3.02
CA PHE A 25 -6.24 -8.27 -1.60
C PHE A 25 -4.80 -7.79 -1.40
N THR A 26 -4.60 -6.96 -0.37
CA THR A 26 -3.29 -6.38 -0.06
C THR A 26 -2.19 -7.42 -0.18
N SER A 27 -1.15 -7.09 -0.94
CA SER A 27 0.00 -7.95 -1.10
C SER A 27 1.02 -7.67 0.02
N LYS A 28 1.95 -8.61 0.22
CA LYS A 28 3.04 -8.48 1.19
C LYS A 28 3.81 -7.22 0.88
N ASP A 29 4.08 -7.05 -0.42
CA ASP A 29 4.71 -5.88 -0.98
C ASP A 29 4.14 -4.57 -0.45
N THR A 30 2.81 -4.44 -0.47
CA THR A 30 2.11 -3.24 0.02
C THR A 30 2.42 -2.97 1.51
N TYR A 31 2.60 -4.03 2.29
CA TYR A 31 3.03 -3.86 3.68
C TYR A 31 4.38 -3.18 3.82
N LEU A 32 5.36 -3.59 3.02
CA LEU A 32 6.69 -3.01 3.09
C LEU A 32 6.74 -1.54 2.63
N ARG A 33 5.99 -1.21 1.59
CA ARG A 33 6.03 0.13 1.03
C ARG A 33 5.13 1.16 1.74
N HIS A 34 3.99 0.70 2.27
CA HIS A 34 2.89 1.60 2.63
C HIS A 34 2.31 1.47 4.05
N PHE A 35 2.75 0.45 4.79
CA PHE A 35 2.39 0.33 6.19
C PHE A 35 3.37 1.17 6.97
N ASN A 36 2.94 2.36 7.39
CA ASN A 36 3.74 3.23 8.24
C ASN A 36 3.55 2.85 9.72
N PRO A 37 4.61 2.28 10.34
CA PRO A 37 4.50 1.76 11.71
C PRO A 37 4.21 2.80 12.81
N ARG A 38 4.73 4.03 12.68
CA ARG A 38 4.46 5.06 13.68
CA ARG A 38 4.49 5.12 13.63
C ARG A 38 3.03 5.58 13.56
N ASP A 39 2.55 5.73 12.31
CA ASP A 39 1.18 6.16 12.05
C ASP A 39 0.18 5.12 12.57
N TYR A 40 0.46 3.83 12.34
CA TYR A 40 -0.31 2.73 12.92
C TYR A 40 -0.46 2.84 14.44
N LEU A 41 0.64 3.21 15.12
CA LEU A 41 0.68 3.36 16.57
C LEU A 41 -0.09 4.60 17.02
N GLU A 42 0.01 5.66 16.22
CA GLU A 42 -0.75 6.88 16.43
C GLU A 42 -2.25 6.61 16.27
N LYS A 43 -2.59 5.78 15.29
CA LYS A 43 -3.99 5.56 14.97
C LYS A 43 -4.69 4.69 15.99
N TYR A 44 -4.00 3.66 16.48
CA TYR A 44 -4.63 2.60 17.26
C TYR A 44 -4.24 2.50 18.73
N TYR A 45 -3.07 2.98 19.09
CA TYR A 45 -2.51 2.67 20.42
C TYR A 45 -2.16 3.86 21.33
N LYS A 46 -2.79 5.00 21.09
CA LYS A 46 -2.55 6.18 21.91
C LYS A 46 -3.23 6.07 23.29
N SER A 52 -12.91 6.30 23.09
CA SER A 52 -13.06 5.84 21.70
C SER A 52 -13.12 4.32 21.59
N ALA A 53 -13.57 3.83 20.43
CA ALA A 53 -13.58 2.39 20.15
C ALA A 53 -12.20 1.75 20.24
N GLU A 54 -11.18 2.43 19.71
CA GLU A 54 -9.80 1.92 19.75
C GLU A 54 -9.35 1.69 21.17
N SER A 55 -9.68 2.64 22.05
CA SER A 55 -9.39 2.57 23.49
C SER A 55 -10.10 1.40 24.17
N GLN A 56 -11.40 1.29 23.91
CA GLN A 56 -12.26 0.28 24.48
C GLN A 56 -11.82 -1.13 24.07
N ILE A 57 -11.36 -1.26 22.83
CA ILE A 57 -10.89 -2.55 22.29
C ILE A 57 -9.54 -2.95 22.89
N LEU A 58 -8.60 -2.00 22.94
CA LEU A 58 -7.30 -2.22 23.58
C LEU A 58 -7.43 -2.54 25.08
N LYS A 59 -8.40 -1.92 25.75
CA LYS A 59 -8.70 -2.25 27.14
C LYS A 59 -9.10 -3.71 27.27
N HIS A 60 -10.01 -4.14 26.39
CA HIS A 60 -10.54 -5.50 26.36
C HIS A 60 -9.48 -6.53 25.96
N LEU A 61 -8.65 -6.21 24.97
CA LEU A 61 -7.56 -7.13 24.59
C LEU A 61 -6.59 -7.32 25.76
N LEU A 62 -6.26 -6.23 26.45
CA LEU A 62 -5.33 -6.28 27.59
C LEU A 62 -5.86 -7.09 28.76
N GLU A 63 -7.17 -7.05 28.97
CA GLU A 63 -7.82 -7.82 30.03
C GLU A 63 -7.88 -9.29 29.68
N ASN A 64 -8.08 -9.60 28.41
CA ASN A 64 -7.97 -10.98 27.93
C ASN A 64 -6.58 -11.56 28.07
N LEU A 65 -5.58 -10.79 27.68
CA LEU A 65 -4.16 -11.19 27.81
C LEU A 65 -3.79 -11.44 29.27
N PHE A 66 -4.26 -10.56 30.15
CA PHE A 66 -4.07 -10.73 31.61
C PHE A 66 -4.67 -12.05 32.08
N LYS A 67 -5.96 -12.24 31.85
CA LYS A 67 -6.63 -13.51 32.06
C LYS A 67 -5.81 -14.72 31.57
N ILE A 68 -5.40 -14.70 30.30
CA ILE A 68 -4.76 -15.85 29.65
C ILE A 68 -3.39 -16.18 30.25
N PHE A 69 -2.59 -15.14 30.48
CA PHE A 69 -1.22 -15.35 30.92
C PHE A 69 -1.05 -15.35 32.44
N CYS A 70 -1.87 -14.55 33.12
CA CYS A 70 -1.76 -14.45 34.58
C CYS A 70 -2.67 -15.36 35.38
N LEU A 71 -3.93 -15.45 34.96
CA LEU A 71 -4.94 -16.20 35.69
C LEU A 71 -4.96 -17.66 35.30
N ASP A 72 -4.82 -17.90 34.00
CA ASP A 72 -4.91 -19.26 33.45
C ASP A 72 -3.58 -19.99 33.57
N GLY A 73 -3.54 -21.23 33.11
CA GLY A 73 -2.27 -21.96 33.05
C GLY A 73 -1.15 -21.18 32.38
N VAL A 74 -1.42 -20.69 31.17
CA VAL A 74 -0.41 -20.39 30.13
C VAL A 74 0.95 -19.81 30.57
N LYS A 75 1.96 -20.68 30.52
CA LYS A 75 3.31 -20.45 31.03
C LYS A 75 4.34 -21.22 30.21
N GLY A 76 5.61 -20.80 30.27
CA GLY A 76 6.67 -21.58 29.63
C GLY A 76 7.99 -20.86 29.53
N ASP A 77 8.94 -21.49 28.83
CA ASP A 77 10.26 -20.91 28.57
C ASP A 77 10.27 -20.00 27.34
N LEU A 78 9.47 -20.31 26.34
CA LEU A 78 9.53 -19.59 25.07
C LEU A 78 8.17 -19.25 24.47
N LEU A 79 7.95 -17.95 24.26
CA LEU A 79 6.80 -17.48 23.49
C LEU A 79 7.28 -16.82 22.22
N ILE A 80 6.69 -17.23 21.10
CA ILE A 80 6.92 -16.55 19.83
C ILE A 80 5.68 -15.77 19.42
N ASP A 81 5.89 -14.48 19.22
CA ASP A 81 4.85 -13.55 18.80
C ASP A 81 4.95 -13.36 17.29
N ILE A 82 3.84 -13.66 16.59
CA ILE A 82 3.79 -13.71 15.13
C ILE A 82 3.05 -12.50 14.56
N GLY A 83 3.74 -11.68 13.78
CA GLY A 83 3.17 -10.45 13.26
C GLY A 83 3.04 -9.37 14.33
N SER A 84 4.10 -9.20 15.13
CA SER A 84 4.12 -8.27 16.26
C SER A 84 3.82 -6.86 15.82
N GLY A 85 4.17 -6.54 14.58
CA GLY A 85 4.06 -5.18 14.06
C GLY A 85 5.04 -4.31 14.81
N PRO A 86 4.68 -3.05 15.05
CA PRO A 86 5.46 -2.16 15.91
C PRO A 86 5.01 -2.16 17.38
N THR A 87 4.12 -3.09 17.75
CA THR A 87 3.46 -3.06 19.06
C THR A 87 4.13 -3.94 20.13
N ILE A 88 3.95 -3.54 21.39
CA ILE A 88 4.42 -4.34 22.53
C ILE A 88 3.32 -4.64 23.54
N TYR A 89 2.14 -4.05 23.36
CA TYR A 89 1.04 -4.20 24.32
C TYR A 89 0.69 -5.68 24.58
N GLN A 90 0.76 -6.48 23.53
CA GLN A 90 0.34 -7.88 23.57
C GLN A 90 1.34 -8.78 24.32
N LEU A 91 2.44 -8.18 24.77
CA LEU A 91 3.52 -8.91 25.44
C LEU A 91 3.70 -8.55 26.92
N LEU A 92 2.88 -7.62 27.42
CA LEU A 92 3.07 -7.06 28.75
C LEU A 92 2.74 -8.02 29.91
N SER A 93 1.61 -8.72 29.81
CA SER A 93 1.31 -9.79 30.77
C SER A 93 2.14 -11.03 30.48
N ALA A 94 2.42 -11.27 29.20
CA ALA A 94 3.12 -12.46 28.72
C ALA A 94 4.56 -12.59 29.24
N CYS A 95 5.23 -11.45 29.45
CA CYS A 95 6.62 -11.49 29.91
C CYS A 95 6.73 -12.00 31.36
N GLU A 96 5.58 -12.05 32.05
CA GLU A 96 5.51 -12.54 33.42
C GLU A 96 5.43 -14.06 33.47
N SER A 97 4.96 -14.67 32.39
CA SER A 97 4.76 -16.12 32.33
C SER A 97 5.80 -16.84 31.51
N PHE A 98 6.43 -16.12 30.58
CA PHE A 98 7.41 -16.71 29.68
C PHE A 98 8.77 -16.09 29.85
N LYS A 99 9.76 -16.93 30.14
CA LYS A 99 11.14 -16.47 30.33
C LYS A 99 11.60 -15.67 29.12
N GLU A 100 11.39 -16.23 27.93
CA GLU A 100 11.94 -15.66 26.71
C GLU A 100 10.89 -15.43 25.64
N ILE A 101 10.97 -14.26 25.00
CA ILE A 101 10.03 -13.86 23.97
C ILE A 101 10.79 -13.57 22.68
N ILE A 102 10.29 -14.13 21.58
CA ILE A 102 10.79 -13.79 20.27
C ILE A 102 9.69 -12.99 19.58
N VAL A 103 10.03 -11.78 19.15
CA VAL A 103 9.10 -10.99 18.36
C VAL A 103 9.39 -11.12 16.85
N THR A 104 8.33 -11.15 16.06
CA THR A 104 8.46 -11.43 14.63
C THR A 104 7.44 -10.67 13.79
N ASP A 105 7.84 -10.31 12.57
CA ASP A 105 6.97 -9.66 11.60
C ASP A 105 7.55 -9.81 10.22
N TYR A 106 6.69 -9.62 9.20
CA TYR A 106 7.12 -9.59 7.80
C TYR A 106 7.84 -8.29 7.45
N SER A 107 7.44 -7.19 8.08
CA SER A 107 8.04 -5.91 7.76
C SER A 107 9.18 -5.56 8.71
N ASP A 108 10.38 -5.36 8.14
N ASP A 108 10.37 -5.37 8.13
CA ASP A 108 11.55 -4.98 8.91
CA ASP A 108 11.57 -4.97 8.86
C ASP A 108 11.43 -3.56 9.46
C ASP A 108 11.39 -3.59 9.48
N GLN A 109 10.69 -2.72 8.74
CA GLN A 109 10.39 -1.36 9.17
C GLN A 109 9.61 -1.38 10.47
N ASN A 110 8.65 -2.30 10.58
CA ASN A 110 7.88 -2.49 11.83
C ASN A 110 8.73 -3.00 12.98
N LEU A 111 9.58 -3.97 12.70
CA LEU A 111 10.47 -4.50 13.72
C LEU A 111 11.44 -3.43 14.22
N GLN A 112 11.89 -2.57 13.31
CA GLN A 112 12.76 -1.44 13.68
C GLN A 112 12.08 -0.43 14.60
N GLU A 113 10.79 -0.21 14.38
CA GLU A 113 9.98 0.66 15.24
C GLU A 113 9.85 0.03 16.65
N LEU A 114 9.65 -1.29 16.68
CA LEU A 114 9.63 -2.03 17.93
C LEU A 114 10.98 -1.88 18.64
N GLU A 115 12.06 -2.07 17.87
CA GLU A 115 13.43 -1.98 18.39
C GLU A 115 13.83 -0.62 18.95
N LYS A 116 13.27 0.46 18.40
CA LYS A 116 13.41 1.79 19.01
C LYS A 116 12.94 1.78 20.47
N TRP A 117 11.82 1.11 20.73
CA TRP A 117 11.28 1.02 22.09
C TRP A 117 12.16 0.12 22.96
N LEU A 118 12.55 -1.02 22.42
CA LEU A 118 13.41 -1.96 23.11
C LEU A 118 14.68 -1.30 23.62
N LYS A 119 15.31 -0.50 22.74
CA LYS A 119 16.56 0.20 23.02
C LYS A 119 16.36 1.53 23.74
N LYS A 120 15.10 1.87 24.03
CA LYS A 120 14.78 2.99 24.92
C LYS A 120 15.20 4.34 24.30
N GLU A 121 14.95 4.47 22.99
CA GLU A 121 15.36 5.65 22.24
C GLU A 121 14.37 6.80 22.40
N PRO A 122 14.86 8.06 22.27
CA PRO A 122 14.07 9.26 22.63
C PRO A 122 12.76 9.36 21.88
N GLU A 123 12.79 8.95 20.62
CA GLU A 123 11.67 9.06 19.68
C GLU A 123 10.77 7.82 19.68
N ALA A 124 11.16 6.78 20.43
CA ALA A 124 10.31 5.61 20.65
C ALA A 124 8.91 6.00 21.13
N PHE A 125 7.91 5.22 20.71
CA PHE A 125 6.51 5.40 21.11
C PHE A 125 6.37 5.29 22.64
N ASP A 126 5.48 6.08 23.21
CA ASP A 126 5.25 6.07 24.66
C ASP A 126 4.10 5.14 25.04
N TRP A 127 4.46 3.94 25.48
CA TRP A 127 3.50 2.93 25.92
C TRP A 127 3.06 3.09 27.38
N SER A 128 3.53 4.15 28.06
CA SER A 128 3.26 4.30 29.50
C SER A 128 1.78 4.21 29.96
N PRO A 129 0.83 4.80 29.17
CA PRO A 129 -0.57 4.63 29.59
C PRO A 129 -1.05 3.17 29.55
N VAL A 130 -0.59 2.43 28.52
CA VAL A 130 -0.91 1.01 28.35
C VAL A 130 -0.23 0.14 29.43
N VAL A 131 1.06 0.41 29.68
CA VAL A 131 1.83 -0.29 30.73
C VAL A 131 1.17 -0.12 32.09
N THR A 132 0.76 1.12 32.43
CA THR A 132 0.11 1.42 33.72
C THR A 132 -1.19 0.62 33.90
N TYR A 133 -1.95 0.49 32.82
CA TYR A 133 -3.19 -0.27 32.84
C TYR A 133 -2.94 -1.74 33.14
N VAL A 134 -1.94 -2.33 32.50
CA VAL A 134 -1.51 -3.69 32.78
C VAL A 134 -1.05 -3.85 34.24
N CYS A 135 -0.16 -2.96 34.69
CA CYS A 135 0.24 -2.96 36.10
C CYS A 135 -0.96 -2.93 37.04
N ASP A 136 -1.98 -2.14 36.67
CA ASP A 136 -3.25 -2.10 37.42
C ASP A 136 -3.94 -3.44 37.46
N LEU A 137 -4.13 -4.05 36.28
CA LEU A 137 -4.79 -5.35 36.15
C LEU A 137 -4.12 -6.43 37.00
N GLU A 138 -2.79 -6.35 37.06
CA GLU A 138 -1.96 -7.36 37.71
C GLU A 138 -1.75 -7.13 39.21
N GLY A 139 -2.55 -6.22 39.77
CA GLY A 139 -2.60 -5.97 41.21
C GLY A 139 -1.57 -5.02 41.76
N ASN A 140 -1.09 -4.12 40.90
CA ASN A 140 -0.09 -3.09 41.25
C ASN A 140 1.13 -3.56 42.05
N ARG A 141 1.66 -4.73 41.69
CA ARG A 141 2.83 -5.28 42.37
C ARG A 141 4.16 -4.72 41.86
N VAL A 142 4.14 -4.12 40.67
CA VAL A 142 5.30 -3.34 40.19
C VAL A 142 4.80 -1.99 39.64
N LYS A 143 5.72 -1.06 39.40
CA LYS A 143 5.37 0.17 38.68
C LYS A 143 5.77 0.06 37.22
N GLY A 144 5.31 0.99 36.39
CA GLY A 144 5.62 0.99 34.96
C GLY A 144 7.07 0.73 34.57
N PRO A 145 8.01 1.52 35.13
CA PRO A 145 9.42 1.33 34.81
C PRO A 145 9.89 -0.12 34.97
N GLU A 146 9.55 -0.74 36.10
CA GLU A 146 9.98 -2.10 36.38
C GLU A 146 9.32 -3.11 35.44
N LYS A 147 8.05 -2.88 35.11
CA LYS A 147 7.34 -3.71 34.15
C LYS A 147 7.96 -3.64 32.76
N GLU A 148 8.30 -2.43 32.32
CA GLU A 148 8.99 -2.23 31.03
C GLU A 148 10.37 -2.91 30.99
N GLU A 149 11.08 -2.85 32.12
CA GLU A 149 12.40 -3.47 32.20
CA GLU A 149 12.40 -3.47 32.28
C GLU A 149 12.29 -4.99 32.12
N LYS A 150 11.20 -5.55 32.64
CA LYS A 150 10.98 -6.99 32.55
C LYS A 150 10.63 -7.47 31.12
N LEU A 151 9.95 -6.63 30.34
CA LEU A 151 9.67 -6.95 28.94
C LEU A 151 10.94 -6.85 28.08
N ARG A 152 11.65 -5.73 28.20
CA ARG A 152 12.93 -5.56 27.52
C ARG A 152 13.89 -6.71 27.81
N GLN A 153 13.96 -7.14 29.07
CA GLN A 153 14.73 -8.33 29.44
C GLN A 153 14.23 -9.61 28.76
N ALA A 154 12.92 -9.73 28.58
CA ALA A 154 12.34 -10.98 28.05
C ALA A 154 12.59 -11.20 26.56
N VAL A 155 12.41 -10.13 25.78
CA VAL A 155 12.58 -10.18 24.33
C VAL A 155 14.01 -10.58 23.93
N LYS A 156 14.16 -11.78 23.38
CA LYS A 156 15.48 -12.35 23.16
C LYS A 156 15.91 -12.30 21.70
N GLN A 157 14.96 -12.42 20.80
CA GLN A 157 15.26 -12.36 19.37
C GLN A 157 14.21 -11.51 18.68
N VAL A 158 14.62 -10.86 17.59
CA VAL A 158 13.73 -10.06 16.74
C VAL A 158 13.96 -10.54 15.32
N LEU A 159 12.99 -11.26 14.76
CA LEU A 159 13.19 -12.02 13.52
C LEU A 159 12.12 -11.74 12.46
N LYS A 160 12.48 -12.07 11.23
CA LYS A 160 11.57 -11.95 10.10
C LYS A 160 10.64 -13.15 10.06
N CYS A 161 9.41 -12.92 9.64
CA CYS A 161 8.37 -13.93 9.65
C CYS A 161 7.40 -13.74 8.48
N ASP A 162 7.04 -14.85 7.84
CA ASP A 162 6.00 -14.87 6.82
C ASP A 162 5.12 -16.10 7.05
N VAL A 163 3.88 -15.86 7.48
CA VAL A 163 2.95 -16.93 7.89
C VAL A 163 2.55 -17.79 6.68
N THR A 164 2.71 -17.23 5.49
CA THR A 164 2.38 -17.93 4.24
C THR A 164 3.46 -18.94 3.83
N GLN A 165 4.59 -18.92 4.53
CA GLN A 165 5.73 -19.82 4.28
C GLN A 165 5.65 -21.06 5.15
N SER A 166 5.87 -22.24 4.57
CA SER A 166 5.86 -23.50 5.34
C SER A 166 6.95 -23.51 6.44
N GLN A 167 8.00 -22.73 6.22
CA GLN A 167 8.96 -22.38 7.25
C GLN A 167 8.86 -20.85 7.49
N PRO A 168 7.94 -20.41 8.37
CA PRO A 168 7.67 -18.96 8.53
C PRO A 168 8.84 -18.12 9.03
N LEU A 169 9.78 -18.74 9.75
CA LEU A 169 10.90 -17.99 10.30
C LEU A 169 12.19 -18.17 9.50
N GLY A 170 12.11 -18.86 8.36
CA GLY A 170 13.25 -19.08 7.49
C GLY A 170 13.87 -20.46 7.54
N ALA A 171 15.07 -20.58 6.98
CA ALA A 171 15.74 -21.87 6.79
C ALA A 171 16.43 -22.45 8.04
N VAL A 172 16.75 -21.59 9.00
CA VAL A 172 17.39 -22.05 10.23
C VAL A 172 16.33 -22.42 11.27
N PRO A 173 16.42 -23.66 11.83
CA PRO A 173 15.55 -24.04 12.96
C PRO A 173 15.72 -23.18 14.22
N LEU A 174 14.62 -23.04 14.95
CA LEU A 174 14.59 -22.41 16.25
C LEU A 174 14.10 -23.46 17.24
N PRO A 175 14.33 -23.23 18.55
CA PRO A 175 13.65 -24.13 19.49
C PRO A 175 12.14 -24.06 19.34
N LEU A 176 11.46 -25.16 19.67
CA LEU A 176 10.01 -25.20 19.58
C LEU A 176 9.41 -24.37 20.71
N ALA A 177 8.35 -23.64 20.42
CA ALA A 177 7.77 -22.72 21.38
C ALA A 177 6.79 -23.39 22.35
N ASP A 178 6.72 -22.84 23.56
CA ASP A 178 5.70 -23.23 24.53
C ASP A 178 4.36 -22.55 24.19
N CYS A 179 4.44 -21.41 23.53
CA CYS A 179 3.26 -20.65 23.16
C CYS A 179 3.52 -19.91 21.87
N LEU A 180 2.50 -19.84 21.02
CA LEU A 180 2.51 -18.97 19.86
C LEU A 180 1.45 -17.89 20.06
N LEU A 181 1.86 -16.63 19.95
CA LEU A 181 0.93 -15.51 20.09
C LEU A 181 0.85 -14.77 18.77
N SER A 182 -0.37 -14.39 18.39
CA SER A 182 -0.56 -13.56 17.19
C SER A 182 -1.77 -12.66 17.37
N THR A 183 -1.53 -11.35 17.34
CA THR A 183 -2.59 -10.37 17.51
C THR A 183 -2.79 -9.53 16.23
N LEU A 184 -4.01 -9.54 15.71
CA LEU A 184 -4.42 -8.74 14.54
C LEU A 184 -3.53 -8.90 13.30
N CYS A 185 -3.08 -10.14 13.07
CA CYS A 185 -2.14 -10.43 12.00
C CYS A 185 -2.74 -11.31 10.89
N LEU A 186 -3.34 -12.42 11.27
CA LEU A 186 -3.72 -13.48 10.34
C LEU A 186 -4.82 -13.09 9.34
N ASP A 187 -5.82 -12.32 9.79
CA ASP A 187 -6.83 -11.74 8.89
C ASP A 187 -6.19 -10.84 7.83
N ALA A 188 -5.15 -10.11 8.21
CA ALA A 188 -4.45 -9.20 7.31
C ALA A 188 -3.44 -9.92 6.39
N ALA A 189 -2.88 -11.02 6.89
CA ALA A 189 -1.84 -11.76 6.16
C ALA A 189 -2.40 -12.74 5.12
N CYS A 190 -3.63 -13.20 5.36
CA CYS A 190 -4.22 -14.31 4.62
C CYS A 190 -5.36 -13.85 3.70
N PRO A 191 -5.14 -13.91 2.38
CA PRO A 191 -6.12 -13.46 1.36
C PRO A 191 -7.40 -14.29 1.23
N ASP A 192 -7.39 -15.50 1.76
CA ASP A 192 -8.54 -16.40 1.66
C ASP A 192 -8.47 -17.49 2.73
N LEU A 193 -9.53 -18.29 2.80
CA LEU A 193 -9.69 -19.31 3.83
C LEU A 193 -8.65 -20.44 3.76
N PRO A 194 -8.37 -20.97 2.54
CA PRO A 194 -7.31 -21.98 2.36
C PRO A 194 -5.95 -21.52 2.86
N THR A 195 -5.58 -20.28 2.54
CA THR A 195 -4.33 -19.70 3.00
C THR A 195 -4.35 -19.50 4.51
N TYR A 196 -5.51 -19.13 5.04
CA TYR A 196 -5.67 -19.02 6.49
C TYR A 196 -5.41 -20.34 7.22
N ARG A 197 -5.96 -21.45 6.71
CA ARG A 197 -5.75 -22.78 7.30
C ARG A 197 -4.27 -23.14 7.23
N ARG A 198 -3.68 -22.93 6.05
CA ARG A 198 -2.29 -23.27 5.81
C ARG A 198 -1.35 -22.50 6.73
N ALA A 199 -1.64 -21.22 6.94
CA ALA A 199 -0.89 -20.40 7.88
C ALA A 199 -0.95 -20.95 9.30
N LEU A 200 -2.10 -21.48 9.71
CA LEU A 200 -2.21 -22.11 11.02
C LEU A 200 -1.33 -23.37 11.14
N ARG A 201 -1.24 -24.14 10.05
CA ARG A 201 -0.37 -25.30 10.01
CA ARG A 201 -0.38 -25.31 9.97
C ARG A 201 1.11 -24.93 9.90
N ASN A 202 1.41 -23.86 9.16
CA ASN A 202 2.81 -23.39 9.05
C ASN A 202 3.32 -22.97 10.42
N LEU A 203 2.51 -22.19 11.13
CA LEU A 203 2.82 -21.73 12.49
C LEU A 203 2.88 -22.87 13.50
N GLY A 204 2.11 -23.93 13.28
CA GLY A 204 2.12 -25.10 14.16
C GLY A 204 3.48 -25.78 14.20
N SER A 205 4.21 -25.70 13.09
CA SER A 205 5.55 -26.25 12.96
C SER A 205 6.56 -25.59 13.89
N LEU A 206 6.25 -24.37 14.33
CA LEU A 206 7.06 -23.64 15.31
C LEU A 206 6.74 -24.00 16.77
N LEU A 207 5.62 -24.68 16.98
CA LEU A 207 5.07 -24.97 18.30
C LEU A 207 5.28 -26.42 18.70
N LYS A 208 5.69 -26.65 19.94
CA LYS A 208 5.77 -28.03 20.41
C LYS A 208 4.37 -28.62 20.64
N PRO A 209 4.23 -29.95 20.51
CA PRO A 209 2.93 -30.51 20.88
C PRO A 209 2.58 -30.16 22.32
N GLY A 210 1.31 -29.90 22.60
CA GLY A 210 0.88 -29.43 23.91
C GLY A 210 1.14 -27.93 24.13
N GLY A 211 1.78 -27.29 23.16
CA GLY A 211 2.00 -25.85 23.20
C GLY A 211 0.68 -25.11 22.98
N PHE A 212 0.63 -23.88 23.47
CA PHE A 212 -0.58 -23.06 23.36
C PHE A 212 -0.53 -22.18 22.12
N LEU A 213 -1.68 -22.04 21.48
CA LEU A 213 -1.85 -21.11 20.37
C LEU A 213 -2.79 -20.03 20.85
N VAL A 214 -2.33 -18.79 20.85
CA VAL A 214 -3.15 -17.66 21.30
C VAL A 214 -3.31 -16.70 20.12
N ILE A 215 -4.56 -16.52 19.71
CA ILE A 215 -4.88 -15.65 18.59
C ILE A 215 -5.93 -14.62 19.00
N MET A 216 -5.66 -13.36 18.70
CA MET A 216 -6.67 -12.32 18.82
C MET A 216 -6.75 -11.61 17.49
N ASP A 217 -7.96 -11.43 16.96
CA ASP A 217 -8.11 -10.85 15.64
C ASP A 217 -9.51 -10.28 15.46
N ALA A 218 -9.72 -9.54 14.36
CA ALA A 218 -11.01 -8.93 14.05
C ALA A 218 -12.04 -9.96 13.54
N LEU A 219 -13.31 -9.72 13.83
CA LEU A 219 -14.38 -10.57 13.32
C LEU A 219 -15.08 -9.88 12.17
N LYS A 220 -15.25 -10.63 11.08
CA LYS A 220 -15.95 -10.18 9.88
CA LYS A 220 -15.98 -10.16 9.90
C LYS A 220 -15.54 -8.79 9.42
N SER A 221 -14.23 -8.58 9.33
CA SER A 221 -13.65 -7.34 8.87
C SER A 221 -13.11 -7.61 7.46
N SER A 222 -13.27 -6.66 6.54
CA SER A 222 -12.77 -6.86 5.18
C SER A 222 -11.72 -5.82 4.78
N TYR A 223 -11.60 -4.78 5.61
CA TYR A 223 -10.54 -3.79 5.47
C TYR A 223 -10.27 -3.11 6.81
N TYR A 224 -9.05 -2.59 6.99
CA TYR A 224 -8.76 -1.60 8.03
C TYR A 224 -7.89 -0.47 7.49
N MET A 225 -7.90 0.67 8.16
CA MET A 225 -7.21 1.87 7.71
C MET A 225 -6.08 2.31 8.64
N ILE A 226 -5.00 2.78 8.02
CA ILE A 226 -4.05 3.68 8.68
C ILE A 226 -4.14 5.02 7.93
N GLY A 227 -4.88 5.94 8.52
CA GLY A 227 -5.21 7.21 7.86
C GLY A 227 -5.95 6.95 6.56
N GLU A 228 -5.39 7.48 5.48
CA GLU A 228 -5.94 7.29 4.15
C GLU A 228 -5.51 5.99 3.47
N GLN A 229 -4.50 5.31 4.00
CA GLN A 229 -4.05 4.03 3.43
C GLN A 229 -4.94 2.86 3.86
N LYS A 230 -5.39 2.08 2.88
CA LYS A 230 -6.26 0.93 3.11
C LYS A 230 -5.54 -0.41 3.04
N PHE A 231 -5.89 -1.29 3.97
CA PHE A 231 -5.40 -2.66 4.01
C PHE A 231 -6.54 -3.66 4.03
N SER A 232 -6.34 -4.78 3.36
CA SER A 232 -7.33 -5.83 3.31
C SER A 232 -7.39 -6.61 4.61
N SER A 233 -8.54 -7.23 4.84
CA SER A 233 -8.75 -8.17 5.95
C SER A 233 -9.62 -9.34 5.49
N LEU A 234 -9.32 -10.53 5.99
CA LEU A 234 -10.16 -11.71 5.74
C LEU A 234 -11.40 -11.65 6.65
N PRO A 235 -12.59 -11.47 6.05
CA PRO A 235 -13.81 -11.32 6.87
C PRO A 235 -14.29 -12.63 7.47
N LEU A 236 -13.63 -13.08 8.54
CA LEU A 236 -13.91 -14.37 9.14
C LEU A 236 -14.87 -14.29 10.32
N GLY A 237 -15.79 -15.23 10.38
CA GLY A 237 -16.71 -15.34 11.51
C GLY A 237 -16.23 -16.33 12.55
N ARG A 238 -16.90 -16.33 13.71
CA ARG A 238 -16.51 -17.19 14.83
C ARG A 238 -16.44 -18.68 14.44
N GLU A 239 -17.50 -19.16 13.77
CA GLU A 239 -17.58 -20.56 13.36
CA GLU A 239 -17.60 -20.56 13.36
C GLU A 239 -16.46 -20.94 12.40
N ALA A 240 -16.11 -20.00 11.51
CA ALA A 240 -15.06 -20.23 10.51
C ALA A 240 -13.68 -20.25 11.14
N VAL A 241 -13.44 -19.34 12.07
CA VAL A 241 -12.20 -19.29 12.82
C VAL A 241 -12.03 -20.59 13.61
N GLU A 242 -13.07 -20.97 14.34
CA GLU A 242 -13.03 -22.16 15.20
C GLU A 242 -12.85 -23.46 14.43
N ALA A 243 -13.58 -23.62 13.33
CA ALA A 243 -13.42 -24.79 12.46
C ALA A 243 -12.01 -24.87 11.86
N ALA A 244 -11.47 -23.74 11.44
CA ALA A 244 -10.11 -23.66 10.86
C ALA A 244 -9.01 -24.02 11.85
N VAL A 245 -9.13 -23.51 13.08
CA VAL A 245 -8.16 -23.81 14.14
C VAL A 245 -8.21 -25.30 14.53
N LYS A 246 -9.41 -25.86 14.58
CA LYS A 246 -9.57 -27.30 14.84
C LYS A 246 -8.99 -28.16 13.71
N GLU A 247 -9.34 -27.83 12.46
CA GLU A 247 -8.79 -28.55 11.32
C GLU A 247 -7.27 -28.54 11.27
N ALA A 248 -6.66 -27.44 11.70
CA ALA A 248 -5.20 -27.31 11.67
C ALA A 248 -4.52 -28.09 12.81
N GLY A 249 -5.34 -28.77 13.62
CA GLY A 249 -4.83 -29.68 14.62
C GLY A 249 -4.70 -29.14 16.02
N TYR A 250 -5.67 -28.34 16.46
CA TYR A 250 -5.69 -27.74 17.79
C TYR A 250 -7.00 -27.98 18.54
N THR A 251 -6.91 -28.02 19.87
CA THR A 251 -8.09 -27.98 20.74
C THR A 251 -8.35 -26.53 21.10
N ILE A 252 -9.61 -26.15 21.27
CA ILE A 252 -9.96 -24.83 21.78
C ILE A 252 -10.35 -24.89 23.25
N GLU A 253 -9.57 -24.20 24.08
CA GLU A 253 -9.80 -24.13 25.53
C GLU A 253 -10.67 -22.94 25.88
N TRP A 254 -10.42 -21.83 25.17
CA TRP A 254 -11.13 -20.57 25.41
C TRP A 254 -11.36 -19.82 24.10
N PHE A 255 -12.56 -19.28 23.97
CA PHE A 255 -12.90 -18.41 22.86
C PHE A 255 -13.79 -17.32 23.40
N GLU A 256 -13.37 -16.09 23.21
CA GLU A 256 -14.16 -15.00 23.74
C GLU A 256 -14.28 -13.82 22.76
N VAL A 257 -15.49 -13.28 22.71
CA VAL A 257 -15.88 -12.28 21.73
C VAL A 257 -16.26 -10.95 22.40
N ILE A 258 -15.73 -9.85 21.86
CA ILE A 258 -16.31 -8.52 22.10
C ILE A 258 -16.88 -8.06 20.77
N SER A 259 -18.15 -7.67 20.76
CA SER A 259 -18.75 -7.17 19.52
C SER A 259 -18.65 -5.64 19.43
N GLN A 260 -17.42 -5.15 19.58
CA GLN A 260 -17.13 -3.74 19.43
C GLN A 260 -16.37 -3.49 18.12
N SER A 261 -16.98 -2.73 17.25
CA SER A 261 -16.33 -2.29 16.02
C SER A 261 -15.34 -1.14 16.30
N TYR A 262 -14.27 -1.08 15.50
CA TYR A 262 -13.37 0.08 15.49
C TYR A 262 -14.12 1.33 15.01
N SER A 263 -13.52 2.51 15.19
CA SER A 263 -14.15 3.74 14.72
C SER A 263 -14.51 3.68 13.21
N SER A 264 -15.51 4.44 12.79
CA SER A 264 -16.05 4.37 11.42
C SER A 264 -15.04 4.64 10.29
N THR A 265 -13.94 5.31 10.62
CA THR A 265 -12.86 5.58 9.67
C THR A 265 -11.71 4.56 9.82
N MET A 266 -11.91 3.52 10.63
CA MET A 266 -10.80 2.63 10.96
C MET A 266 -10.93 1.25 10.32
N ALA A 267 -12.10 0.64 10.46
CA ALA A 267 -12.35 -0.72 9.97
C ALA A 267 -13.85 -0.96 9.88
N ASN A 268 -14.25 -2.03 9.20
CA ASN A 268 -15.64 -2.47 9.18
C ASN A 268 -15.87 -3.81 9.91
N ASN A 269 -15.07 -4.07 10.94
CA ASN A 269 -15.23 -5.29 11.74
C ASN A 269 -16.53 -5.24 12.52
N GLU A 270 -17.03 -6.42 12.86
CA GLU A 270 -18.21 -6.52 13.70
CA GLU A 270 -18.21 -6.56 13.70
C GLU A 270 -17.81 -6.60 15.18
N GLY A 271 -16.57 -7.03 15.41
CA GLY A 271 -16.00 -7.17 16.74
C GLY A 271 -14.65 -7.84 16.66
N LEU A 272 -14.22 -8.40 17.78
CA LEU A 272 -12.92 -9.06 17.90
C LEU A 272 -13.04 -10.36 18.68
N PHE A 273 -12.17 -11.31 18.37
CA PHE A 273 -12.10 -12.57 19.09
C PHE A 273 -10.73 -12.76 19.72
N SER A 274 -10.72 -13.61 20.75
CA SER A 274 -9.55 -14.02 21.45
C SER A 274 -9.75 -15.51 21.64
N LEU A 275 -8.87 -16.31 21.03
CA LEU A 275 -8.89 -17.75 21.24
C LEU A 275 -7.61 -18.32 21.87
N VAL A 276 -7.80 -19.35 22.68
CA VAL A 276 -6.69 -20.13 23.23
C VAL A 276 -6.89 -21.56 22.79
N GLY A 277 -5.85 -22.11 22.17
CA GLY A 277 -5.86 -23.47 21.68
C GLY A 277 -4.59 -24.21 22.06
N ARG A 278 -4.67 -25.53 22.09
CA ARG A 278 -3.54 -26.38 22.37
C ARG A 278 -3.28 -27.26 21.16
N LYS A 279 -2.02 -27.31 20.74
CA LYS A 279 -1.61 -28.25 19.69
C LYS A 279 -1.70 -29.67 20.27
N LEU A 280 -2.24 -30.61 19.50
CA LEU A 280 -2.42 -31.99 19.96
C LEU A 280 -1.08 -32.71 20.20
N SER A 281 -1.08 -33.62 21.17
CA SER A 281 0.10 -34.45 21.48
C SER A 281 -0.02 -35.81 20.81
N PHE B 25 -11.51 21.72 -3.64
CA PHE B 25 -10.75 20.89 -4.61
C PHE B 25 -10.94 19.40 -4.30
N THR B 26 -11.20 18.62 -5.35
CA THR B 26 -11.33 17.16 -5.27
C THR B 26 -10.23 16.51 -4.40
N SER B 27 -10.65 15.73 -3.42
CA SER B 27 -9.73 15.07 -2.50
C SER B 27 -9.26 13.74 -3.08
N LYS B 28 -8.19 13.17 -2.52
CA LYS B 28 -7.66 11.88 -2.93
C LYS B 28 -8.77 10.85 -2.77
N ASP B 29 -9.43 10.91 -1.61
CA ASP B 29 -10.56 10.06 -1.23
C ASP B 29 -11.65 9.96 -2.32
N THR B 30 -12.03 11.11 -2.91
CA THR B 30 -13.00 11.18 -4.02
C THR B 30 -12.55 10.34 -5.22
N TYR B 31 -11.24 10.24 -5.42
CA TYR B 31 -10.71 9.41 -6.51
C TYR B 31 -10.91 7.93 -6.24
N LEU B 32 -10.77 7.51 -5.00
CA LEU B 32 -10.97 6.10 -4.66
C LEU B 32 -12.44 5.71 -4.74
N ARG B 33 -13.31 6.63 -4.36
CA ARG B 33 -14.75 6.36 -4.25
C ARG B 33 -15.54 6.55 -5.53
N HIS B 34 -15.16 7.56 -6.33
CA HIS B 34 -16.01 8.05 -7.43
C HIS B 34 -15.38 8.13 -8.82
N PHE B 35 -14.07 7.93 -8.92
CA PHE B 35 -13.41 7.85 -10.22
C PHE B 35 -13.61 6.44 -10.77
N ASN B 36 -14.56 6.30 -11.69
CA ASN B 36 -14.87 5.01 -12.31
C ASN B 36 -13.98 4.80 -13.54
N PRO B 37 -12.96 3.93 -13.42
CA PRO B 37 -11.94 3.79 -14.47
C PRO B 37 -12.49 3.41 -15.86
N ARG B 38 -13.46 2.51 -15.92
CA ARG B 38 -14.07 2.10 -17.20
C ARG B 38 -14.91 3.22 -17.83
N ASP B 39 -15.62 3.97 -17.00
CA ASP B 39 -16.37 5.12 -17.48
C ASP B 39 -15.39 6.17 -18.05
N TYR B 40 -14.29 6.42 -17.34
CA TYR B 40 -13.23 7.32 -17.82
C TYR B 40 -12.73 6.91 -19.21
N LEU B 41 -12.47 5.62 -19.41
CA LEU B 41 -12.01 5.06 -20.69
C LEU B 41 -13.05 5.23 -21.77
N GLU B 42 -14.31 5.00 -21.38
CA GLU B 42 -15.46 5.14 -22.25
C GLU B 42 -15.63 6.59 -22.70
N LYS B 43 -15.48 7.53 -21.76
CA LYS B 43 -15.72 8.94 -22.04
C LYS B 43 -14.63 9.55 -22.91
N TYR B 44 -13.40 9.11 -22.72
CA TYR B 44 -12.25 9.84 -23.24
C TYR B 44 -11.45 9.12 -24.32
N TYR B 45 -11.44 7.79 -24.29
CA TYR B 45 -10.50 7.03 -25.10
C TYR B 45 -11.13 6.02 -26.07
N LYS B 46 -12.34 6.32 -26.52
CA LYS B 46 -13.07 5.45 -27.42
C LYS B 46 -12.47 5.41 -28.83
N SER B 52 -14.82 14.21 -32.81
CA SER B 52 -14.96 14.85 -31.50
C SER B 52 -13.64 15.42 -31.04
N ALA B 53 -13.71 16.36 -30.11
CA ALA B 53 -12.53 16.98 -29.49
C ALA B 53 -11.65 15.97 -28.76
N GLU B 54 -12.28 14.94 -28.17
CA GLU B 54 -11.56 13.90 -27.44
C GLU B 54 -10.64 13.11 -28.35
N SER B 55 -11.14 12.75 -29.54
CA SER B 55 -10.36 12.04 -30.54
C SER B 55 -9.20 12.87 -31.06
N GLN B 56 -9.49 14.13 -31.41
CA GLN B 56 -8.51 15.05 -31.97
C GLN B 56 -7.39 15.37 -30.96
N ILE B 57 -7.76 15.48 -29.68
CA ILE B 57 -6.79 15.63 -28.60
C ILE B 57 -5.91 14.37 -28.49
N LEU B 58 -6.56 13.20 -28.47
CA LEU B 58 -5.84 11.92 -28.43
C LEU B 58 -4.92 11.71 -29.66
N LYS B 59 -5.38 12.10 -30.84
CA LYS B 59 -4.51 12.01 -32.03
C LYS B 59 -3.26 12.84 -31.81
N HIS B 60 -3.45 14.05 -31.28
CA HIS B 60 -2.36 14.98 -30.99
C HIS B 60 -1.41 14.46 -29.92
N LEU B 61 -1.94 13.95 -28.82
CA LEU B 61 -1.10 13.38 -27.76
C LEU B 61 -0.23 12.26 -28.31
N LEU B 62 -0.82 11.36 -29.09
CA LEU B 62 -0.07 10.24 -29.67
C LEU B 62 1.03 10.67 -30.64
N GLU B 63 0.77 11.73 -31.42
CA GLU B 63 1.77 12.30 -32.32
C GLU B 63 2.93 12.95 -31.59
N ASN B 64 2.65 13.65 -30.49
CA ASN B 64 3.68 14.18 -29.61
C ASN B 64 4.50 13.08 -28.93
N LEU B 65 3.81 12.02 -28.50
CA LEU B 65 4.48 10.87 -27.90
C LEU B 65 5.40 10.17 -28.89
N PHE B 66 4.91 9.96 -30.11
CA PHE B 66 5.72 9.39 -31.18
C PHE B 66 6.95 10.25 -31.46
N LYS B 67 6.74 11.56 -31.57
CA LYS B 67 7.84 12.49 -31.74
C LYS B 67 8.90 12.32 -30.64
N ILE B 68 8.46 12.35 -29.38
CA ILE B 68 9.34 12.39 -28.21
C ILE B 68 10.15 11.10 -28.07
N PHE B 69 9.48 9.98 -28.24
CA PHE B 69 10.10 8.68 -27.95
C PHE B 69 10.77 8.04 -29.15
N CYS B 70 10.28 8.34 -30.34
CA CYS B 70 10.83 7.71 -31.55
C CYS B 70 11.77 8.59 -32.35
N LEU B 71 11.52 9.88 -32.38
CA LEU B 71 12.25 10.81 -33.23
C LEU B 71 13.36 11.52 -32.46
N ASP B 72 13.10 11.85 -31.20
CA ASP B 72 14.08 12.54 -30.38
C ASP B 72 15.05 11.56 -29.72
N GLY B 73 15.87 12.02 -28.79
CA GLY B 73 16.84 11.11 -28.17
C GLY B 73 16.33 10.31 -26.96
N VAL B 74 15.01 10.28 -26.77
CA VAL B 74 14.45 9.90 -25.47
C VAL B 74 14.27 8.38 -25.34
N LYS B 75 15.25 7.77 -24.65
CA LYS B 75 15.33 6.32 -24.45
C LYS B 75 16.05 5.99 -23.16
N GLY B 76 15.98 4.73 -22.73
CA GLY B 76 16.68 4.29 -21.53
C GLY B 76 16.29 2.89 -21.13
N ASP B 77 16.61 2.51 -19.90
CA ASP B 77 16.26 1.20 -19.35
C ASP B 77 14.96 1.26 -18.57
N LEU B 78 14.70 2.41 -17.93
CA LEU B 78 13.54 2.53 -17.07
C LEU B 78 12.70 3.77 -17.34
N LEU B 79 11.42 3.55 -17.61
CA LEU B 79 10.44 4.65 -17.61
C LEU B 79 9.41 4.36 -16.54
N ILE B 80 9.17 5.35 -15.68
CA ILE B 80 8.07 5.28 -14.72
C ILE B 80 6.95 6.24 -15.13
N ASP B 81 5.78 5.65 -15.35
CA ASP B 81 4.58 6.38 -15.69
C ASP B 81 3.80 6.74 -14.42
N ILE B 82 3.65 8.06 -14.20
CA ILE B 82 3.08 8.61 -12.98
C ILE B 82 1.60 8.99 -13.19
N GLY B 83 0.72 8.38 -12.41
CA GLY B 83 -0.71 8.61 -12.51
C GLY B 83 -1.29 8.03 -13.79
N SER B 84 -0.87 6.79 -14.09
CA SER B 84 -1.22 6.10 -15.34
C SER B 84 -2.72 6.03 -15.55
N GLY B 85 -3.47 5.99 -14.45
CA GLY B 85 -4.90 5.78 -14.49
C GLY B 85 -5.16 4.39 -15.02
N PRO B 86 -6.25 4.23 -15.79
CA PRO B 86 -6.51 2.95 -16.45
C PRO B 86 -5.98 2.86 -17.89
N THR B 87 -5.15 3.81 -18.30
CA THR B 87 -4.80 3.98 -19.71
C THR B 87 -3.41 3.47 -20.09
N ILE B 88 -3.28 3.08 -21.37
CA ILE B 88 -2.00 2.58 -21.89
C ILE B 88 -1.50 3.34 -23.10
N TYR B 89 -2.34 4.17 -23.69
CA TYR B 89 -2.00 4.88 -24.93
C TYR B 89 -0.68 5.66 -24.83
N GLN B 90 -0.38 6.16 -23.62
CA GLN B 90 0.77 7.03 -23.38
C GLN B 90 2.06 6.23 -23.30
N LEU B 91 1.91 4.91 -23.39
CA LEU B 91 3.03 3.98 -23.25
C LEU B 91 3.41 3.30 -24.56
N LEU B 92 2.58 3.45 -25.59
CA LEU B 92 2.73 2.68 -26.84
C LEU B 92 3.98 2.98 -27.68
N SER B 93 4.39 4.25 -27.75
CA SER B 93 5.66 4.59 -28.40
C SER B 93 6.83 4.41 -27.44
N ALA B 94 6.58 4.70 -26.15
CA ALA B 94 7.59 4.58 -25.11
C ALA B 94 8.21 3.18 -25.01
N CYS B 95 7.40 2.14 -25.23
CA CYS B 95 7.90 0.77 -25.06
C CYS B 95 8.91 0.38 -26.14
N GLU B 96 8.95 1.16 -27.22
CA GLU B 96 9.97 0.99 -28.26
C GLU B 96 11.34 1.52 -27.85
N SER B 97 11.35 2.50 -26.94
CA SER B 97 12.58 3.20 -26.51
C SER B 97 13.04 2.91 -25.09
N PHE B 98 12.18 2.29 -24.29
CA PHE B 98 12.50 1.98 -22.90
C PHE B 98 12.32 0.51 -22.57
N LYS B 99 13.38 -0.10 -22.09
CA LYS B 99 13.38 -1.52 -21.77
C LYS B 99 12.22 -1.86 -20.85
N GLU B 100 12.18 -1.20 -19.70
CA GLU B 100 11.21 -1.54 -18.67
C GLU B 100 10.37 -0.34 -18.27
N ILE B 101 9.09 -0.61 -18.05
CA ILE B 101 8.11 0.41 -17.64
C ILE B 101 7.42 0.00 -16.34
N ILE B 102 7.42 0.90 -15.37
CA ILE B 102 6.61 0.78 -14.17
C ILE B 102 5.40 1.69 -14.36
N VAL B 103 4.21 1.15 -14.18
CA VAL B 103 3.01 1.96 -14.17
C VAL B 103 2.55 2.18 -12.74
N THR B 104 2.06 3.39 -12.48
CA THR B 104 1.70 3.83 -11.13
C THR B 104 0.45 4.72 -11.13
N ASP B 105 -0.27 4.70 -10.01
CA ASP B 105 -1.43 5.54 -9.79
C ASP B 105 -1.79 5.54 -8.30
N TYR B 106 -2.45 6.59 -7.83
CA TYR B 106 -2.99 6.61 -6.46
C TYR B 106 -4.11 5.60 -6.25
N SER B 107 -4.85 5.33 -7.32
CA SER B 107 -6.08 4.55 -7.21
C SER B 107 -5.84 3.11 -7.70
N ASP B 108 -6.06 2.17 -6.79
CA ASP B 108 -5.89 0.73 -7.03
C ASP B 108 -6.91 0.21 -8.02
N GLN B 109 -8.08 0.84 -8.05
CA GLN B 109 -9.16 0.49 -8.97
C GLN B 109 -8.74 0.76 -10.41
N ASN B 110 -8.05 1.88 -10.61
CA ASN B 110 -7.51 2.23 -11.93
C ASN B 110 -6.45 1.24 -12.38
N LEU B 111 -5.57 0.88 -11.46
CA LEU B 111 -4.52 -0.10 -11.76
C LEU B 111 -5.09 -1.48 -12.08
N GLN B 112 -6.18 -1.87 -11.40
CA GLN B 112 -6.87 -3.14 -11.71
C GLN B 112 -7.43 -3.14 -13.12
N GLU B 113 -7.99 -2.02 -13.54
CA GLU B 113 -8.51 -1.85 -14.90
C GLU B 113 -7.38 -1.94 -15.93
N LEU B 114 -6.26 -1.32 -15.63
CA LEU B 114 -5.06 -1.40 -16.44
C LEU B 114 -4.61 -2.85 -16.51
N GLU B 115 -4.61 -3.50 -15.34
CA GLU B 115 -4.18 -4.90 -15.21
C GLU B 115 -5.05 -5.89 -16.00
N LYS B 116 -6.34 -5.59 -16.11
CA LYS B 116 -7.24 -6.36 -16.97
C LYS B 116 -6.73 -6.39 -18.41
N TRP B 117 -6.33 -5.22 -18.93
CA TRP B 117 -5.71 -5.15 -20.26
C TRP B 117 -4.37 -5.88 -20.27
N LEU B 118 -3.55 -5.66 -19.24
CA LEU B 118 -2.23 -6.29 -19.16
C LEU B 118 -2.26 -7.80 -19.41
N LYS B 119 -3.18 -8.50 -18.77
CA LYS B 119 -3.28 -9.95 -18.96
C LYS B 119 -4.35 -10.42 -19.96
N LYS B 120 -4.78 -9.52 -20.83
CA LYS B 120 -5.53 -9.90 -22.03
C LYS B 120 -6.86 -10.59 -21.67
N GLU B 121 -7.55 -10.05 -20.67
CA GLU B 121 -8.82 -10.60 -20.18
C GLU B 121 -9.99 -10.09 -21.03
N PRO B 122 -11.11 -10.86 -21.08
CA PRO B 122 -12.09 -10.64 -22.12
C PRO B 122 -12.87 -9.32 -22.05
N GLU B 123 -13.01 -8.77 -20.85
CA GLU B 123 -13.68 -7.47 -20.66
C GLU B 123 -12.71 -6.29 -20.54
N ALA B 124 -11.43 -6.52 -20.85
CA ALA B 124 -10.46 -5.42 -20.96
C ALA B 124 -10.91 -4.44 -22.02
N PHE B 125 -10.66 -3.16 -21.80
CA PHE B 125 -10.91 -2.11 -22.79
C PHE B 125 -10.19 -2.44 -24.10
N ASP B 126 -10.84 -2.11 -25.21
CA ASP B 126 -10.28 -2.40 -26.53
C ASP B 126 -9.48 -1.22 -27.08
N TRP B 127 -8.15 -1.37 -27.08
CA TRP B 127 -7.24 -0.31 -27.47
C TRP B 127 -6.80 -0.40 -28.93
N SER B 128 -7.39 -1.32 -29.70
CA SER B 128 -6.90 -1.56 -31.07
C SER B 128 -6.96 -0.34 -31.99
N PRO B 129 -8.05 0.47 -31.95
CA PRO B 129 -8.07 1.66 -32.81
C PRO B 129 -6.88 2.61 -32.52
N VAL B 130 -6.53 2.74 -31.24
CA VAL B 130 -5.44 3.59 -30.79
C VAL B 130 -4.07 2.97 -31.13
N VAL B 131 -3.94 1.67 -30.88
CA VAL B 131 -2.75 0.88 -31.26
C VAL B 131 -2.44 1.00 -32.76
N THR B 132 -3.46 0.80 -33.61
CA THR B 132 -3.28 0.89 -35.06
C THR B 132 -2.73 2.27 -35.48
N TYR B 133 -3.25 3.32 -34.85
CA TYR B 133 -2.83 4.68 -35.14
C TYR B 133 -1.35 4.88 -34.85
N VAL B 134 -0.90 4.36 -33.70
CA VAL B 134 0.51 4.42 -33.32
C VAL B 134 1.37 3.61 -34.28
N CYS B 135 0.89 2.42 -34.64
CA CYS B 135 1.59 1.58 -35.61
C CYS B 135 1.78 2.30 -36.94
N ASP B 136 0.76 3.05 -37.35
CA ASP B 136 0.80 3.87 -38.57
C ASP B 136 1.83 4.97 -38.45
N LEU B 137 1.81 5.71 -37.33
CA LEU B 137 2.78 6.75 -37.05
C LEU B 137 4.20 6.21 -37.12
N GLU B 138 4.38 4.98 -36.67
CA GLU B 138 5.72 4.38 -36.58
C GLU B 138 6.15 3.69 -37.88
N GLY B 139 5.41 3.98 -38.95
CA GLY B 139 5.75 3.53 -40.29
C GLY B 139 5.43 2.07 -40.56
N ASN B 140 4.37 1.59 -39.89
CA ASN B 140 3.85 0.24 -40.06
C ASN B 140 4.86 -0.92 -40.04
N ARG B 141 5.86 -0.83 -39.17
CA ARG B 141 6.85 -1.90 -39.07
C ARG B 141 6.32 -3.16 -38.41
N VAL B 142 5.30 -3.01 -37.57
CA VAL B 142 4.60 -4.14 -36.94
C VAL B 142 3.08 -3.97 -37.04
N LYS B 143 2.33 -5.02 -36.77
CA LYS B 143 0.87 -4.90 -36.67
C LYS B 143 0.47 -4.73 -35.20
N GLY B 144 -0.82 -4.52 -34.96
CA GLY B 144 -1.31 -4.24 -33.60
C GLY B 144 -0.98 -5.29 -32.56
N PRO B 145 -1.28 -6.57 -32.87
CA PRO B 145 -0.91 -7.70 -31.99
C PRO B 145 0.53 -7.63 -31.49
N GLU B 146 1.49 -7.50 -32.41
CA GLU B 146 2.89 -7.43 -32.00
C GLU B 146 3.21 -6.18 -31.16
N LYS B 147 2.62 -5.04 -31.54
CA LYS B 147 2.77 -3.80 -30.76
C LYS B 147 2.26 -3.95 -29.32
N GLU B 148 1.09 -4.54 -29.16
CA GLU B 148 0.51 -4.80 -27.84
C GLU B 148 1.34 -5.75 -26.99
N GLU B 149 1.97 -6.74 -27.64
CA GLU B 149 2.84 -7.70 -26.96
C GLU B 149 4.15 -7.07 -26.51
N LYS B 150 4.64 -6.11 -27.27
CA LYS B 150 5.83 -5.37 -26.82
C LYS B 150 5.52 -4.53 -25.58
N LEU B 151 4.33 -3.95 -25.53
CA LEU B 151 3.90 -3.20 -24.35
C LEU B 151 3.80 -4.09 -23.11
N ARG B 152 3.03 -5.18 -23.22
CA ARG B 152 2.80 -6.12 -22.12
C ARG B 152 4.10 -6.67 -21.53
N GLN B 153 5.05 -6.97 -22.41
CA GLN B 153 6.39 -7.43 -22.03
CA GLN B 153 6.38 -7.43 -22.01
C GLN B 153 7.13 -6.36 -21.21
N ALA B 154 6.97 -5.09 -21.63
CA ALA B 154 7.72 -3.96 -21.05
C ALA B 154 7.30 -3.57 -19.64
N VAL B 155 6.01 -3.71 -19.36
CA VAL B 155 5.45 -3.31 -18.06
C VAL B 155 5.84 -4.35 -17.02
N LYS B 156 6.73 -3.95 -16.12
CA LYS B 156 7.35 -4.89 -15.20
C LYS B 156 6.76 -4.78 -13.81
N GLN B 157 6.32 -3.58 -13.45
CA GLN B 157 5.77 -3.35 -12.13
C GLN B 157 4.55 -2.47 -12.21
N VAL B 158 3.62 -2.69 -11.28
CA VAL B 158 2.40 -1.94 -11.16
C VAL B 158 2.26 -1.53 -9.69
N LEU B 159 2.44 -0.23 -9.43
CA LEU B 159 2.65 0.24 -8.08
C LEU B 159 1.74 1.40 -7.70
N LYS B 160 1.44 1.50 -6.41
CA LYS B 160 0.68 2.61 -5.87
C LYS B 160 1.60 3.83 -5.82
N CYS B 161 1.00 5.01 -5.98
CA CYS B 161 1.77 6.24 -6.04
C CYS B 161 0.95 7.46 -5.61
N ASP B 162 1.61 8.36 -4.90
CA ASP B 162 1.00 9.62 -4.50
C ASP B 162 2.01 10.75 -4.73
N VAL B 163 1.70 11.62 -5.70
CA VAL B 163 2.63 12.65 -6.14
C VAL B 163 2.87 13.69 -5.04
N THR B 164 1.92 13.78 -4.11
CA THR B 164 1.96 14.74 -3.00
C THR B 164 2.80 14.25 -1.80
N GLN B 165 3.33 13.02 -1.89
CA GLN B 165 4.19 12.45 -0.84
C GLN B 165 5.65 12.60 -1.24
N SER B 166 6.48 13.04 -0.29
CA SER B 166 7.91 13.23 -0.55
C SER B 166 8.59 11.95 -1.05
N GLN B 167 8.05 10.80 -0.66
CA GLN B 167 8.37 9.51 -1.28
C GLN B 167 7.10 9.01 -2.01
N PRO B 168 6.91 9.39 -3.30
CA PRO B 168 5.68 9.07 -4.03
C PRO B 168 5.39 7.59 -4.20
N LEU B 169 6.41 6.74 -4.25
CA LEU B 169 6.20 5.31 -4.48
C LEU B 169 6.30 4.45 -3.21
N GLY B 170 6.40 5.11 -2.05
CA GLY B 170 6.45 4.42 -0.76
C GLY B 170 7.82 4.34 -0.13
N ALA B 171 7.90 3.62 0.99
CA ALA B 171 9.09 3.57 1.87
C ALA B 171 10.27 2.75 1.35
N VAL B 172 10.03 1.96 0.31
CA VAL B 172 11.05 1.08 -0.28
C VAL B 172 11.59 1.71 -1.56
N PRO B 173 12.94 1.79 -1.67
CA PRO B 173 13.65 2.23 -2.89
C PRO B 173 13.33 1.41 -4.15
N LEU B 174 13.24 2.14 -5.27
CA LEU B 174 13.26 1.59 -6.60
C LEU B 174 14.49 2.12 -7.34
N PRO B 175 14.85 1.49 -8.46
CA PRO B 175 15.92 2.08 -9.25
C PRO B 175 15.46 3.44 -9.74
N LEU B 176 16.39 4.39 -9.84
CA LEU B 176 16.12 5.70 -10.37
C LEU B 176 15.83 5.59 -11.86
N ALA B 177 14.83 6.34 -12.32
CA ALA B 177 14.34 6.23 -13.70
C ALA B 177 15.16 7.04 -14.69
N ASP B 178 15.13 6.60 -15.96
CA ASP B 178 15.71 7.32 -17.08
C ASP B 178 14.75 8.40 -17.59
N CYS B 179 13.46 8.17 -17.32
CA CYS B 179 12.41 9.06 -17.76
C CYS B 179 11.22 8.94 -16.84
N LEU B 180 10.66 10.09 -16.46
CA LEU B 180 9.34 10.15 -15.82
C LEU B 180 8.30 10.64 -16.79
N LEU B 181 7.20 9.90 -16.87
CA LEU B 181 6.09 10.26 -17.72
C LEU B 181 4.86 10.45 -16.85
N SER B 182 4.12 11.52 -17.13
CA SER B 182 2.83 11.75 -16.46
C SER B 182 1.89 12.45 -17.45
N THR B 183 0.78 11.80 -17.75
CA THR B 183 -0.22 12.35 -18.66
C THR B 183 -1.53 12.63 -17.90
N LEU B 184 -1.99 13.89 -17.99
CA LEU B 184 -3.26 14.34 -17.40
C LEU B 184 -3.45 13.98 -15.91
N CYS B 185 -2.36 14.05 -15.16
CA CYS B 185 -2.36 13.68 -13.74
C CYS B 185 -2.19 14.88 -12.81
N LEU B 186 -1.14 15.66 -13.06
CA LEU B 186 -0.69 16.68 -12.11
C LEU B 186 -1.68 17.83 -11.88
N ASP B 187 -2.36 18.29 -12.94
CA ASP B 187 -3.44 19.29 -12.78
C ASP B 187 -4.53 18.75 -11.83
N ALA B 188 -4.88 17.47 -11.98
CA ALA B 188 -5.89 16.82 -11.14
C ALA B 188 -5.43 16.50 -9.70
N ALA B 189 -4.15 16.16 -9.54
CA ALA B 189 -3.61 15.74 -8.23
C ALA B 189 -3.28 16.91 -7.29
N CYS B 190 -3.06 18.09 -7.88
CA CYS B 190 -2.51 19.23 -7.17
C CYS B 190 -3.51 20.39 -7.04
N PRO B 191 -3.97 20.65 -5.79
CA PRO B 191 -4.96 21.70 -5.46
C PRO B 191 -4.48 23.14 -5.63
N ASP B 192 -3.18 23.36 -5.48
CA ASP B 192 -2.62 24.70 -5.66
C ASP B 192 -1.22 24.64 -6.25
N LEU B 193 -0.69 25.81 -6.56
CA LEU B 193 0.59 25.94 -7.22
C LEU B 193 1.76 25.48 -6.34
N PRO B 194 1.77 25.83 -5.02
CA PRO B 194 2.78 25.27 -4.11
C PRO B 194 2.83 23.75 -4.12
N THR B 195 1.66 23.12 -4.13
CA THR B 195 1.57 21.66 -4.16
C THR B 195 2.05 21.11 -5.48
N TYR B 196 1.75 21.83 -6.57
CA TYR B 196 2.22 21.48 -7.92
C TYR B 196 3.74 21.48 -8.01
N ARG B 197 4.35 22.53 -7.45
CA ARG B 197 5.81 22.68 -7.42
CA ARG B 197 5.82 22.69 -7.41
C ARG B 197 6.47 21.57 -6.60
N ARG B 198 5.84 21.21 -5.48
CA ARG B 198 6.35 20.19 -4.58
CA ARG B 198 6.35 20.18 -4.57
C ARG B 198 6.21 18.79 -5.17
N ALA B 199 5.12 18.54 -5.89
CA ALA B 199 4.91 17.26 -6.57
C ALA B 199 5.96 17.02 -7.66
N LEU B 200 6.41 18.09 -8.31
CA LEU B 200 7.51 17.98 -9.27
C LEU B 200 8.84 17.64 -8.59
N ARG B 201 8.99 18.12 -7.36
CA ARG B 201 10.20 17.84 -6.57
CA ARG B 201 10.18 17.86 -6.54
C ARG B 201 10.15 16.46 -5.93
N ASN B 202 8.95 16.03 -5.54
CA ASN B 202 8.77 14.67 -5.00
C ASN B 202 9.07 13.67 -6.10
N LEU B 203 8.62 13.98 -7.32
CA LEU B 203 8.80 13.10 -8.47
C LEU B 203 10.24 13.08 -9.00
N GLY B 204 10.97 14.18 -8.81
CA GLY B 204 12.36 14.27 -9.23
C GLY B 204 13.28 13.35 -8.45
N SER B 205 12.89 13.04 -7.22
CA SER B 205 13.62 12.08 -6.38
C SER B 205 13.61 10.67 -6.97
N LEU B 206 12.65 10.42 -7.87
CA LEU B 206 12.54 9.14 -8.61
C LEU B 206 13.40 9.07 -9.86
N LEU B 207 13.98 10.20 -10.25
CA LEU B 207 14.66 10.38 -11.53
C LEU B 207 16.18 10.48 -11.38
N LYS B 208 16.92 9.85 -12.28
CA LYS B 208 18.36 10.08 -12.41
C LYS B 208 18.65 11.54 -12.77
N PRO B 209 19.80 12.07 -12.32
CA PRO B 209 20.32 13.30 -12.96
C PRO B 209 20.44 13.11 -14.48
N GLY B 210 19.98 14.09 -15.26
CA GLY B 210 20.02 13.97 -16.72
C GLY B 210 18.89 13.12 -17.28
N GLY B 211 18.03 12.61 -16.40
CA GLY B 211 16.84 11.88 -16.80
C GLY B 211 15.81 12.84 -17.35
N PHE B 212 14.87 12.30 -18.13
CA PHE B 212 13.86 13.11 -18.79
C PHE B 212 12.58 13.12 -18.01
N LEU B 213 11.95 14.29 -17.99
CA LEU B 213 10.63 14.49 -17.43
C LEU B 213 9.72 14.82 -18.60
N VAL B 214 8.75 13.94 -18.86
CA VAL B 214 7.78 14.20 -19.92
C VAL B 214 6.40 14.38 -19.28
N ILE B 215 5.80 15.54 -19.51
CA ILE B 215 4.49 15.90 -18.94
C ILE B 215 3.53 16.34 -20.05
N MET B 216 2.36 15.71 -20.11
CA MET B 216 1.27 16.22 -20.93
C MET B 216 0.06 16.44 -20.03
N ASP B 217 -0.59 17.59 -20.15
CA ASP B 217 -1.67 17.94 -19.26
C ASP B 217 -2.49 19.07 -19.87
N ALA B 218 -3.60 19.40 -19.22
CA ALA B 218 -4.51 20.44 -19.70
C ALA B 218 -4.00 21.85 -19.39
N LEU B 219 -4.35 22.81 -20.25
CA LEU B 219 -4.05 24.22 -20.02
C LEU B 219 -5.29 24.94 -19.56
N LYS B 220 -5.18 25.67 -18.45
CA LYS B 220 -6.25 26.51 -17.91
C LYS B 220 -7.60 25.77 -17.74
N SER B 221 -7.52 24.55 -17.24
CA SER B 221 -8.69 23.76 -16.91
C SER B 221 -8.91 23.84 -15.41
N SER B 222 -10.15 24.08 -14.98
CA SER B 222 -10.46 24.10 -13.55
C SER B 222 -11.29 22.88 -13.16
N TYR B 223 -11.79 22.17 -14.15
CA TYR B 223 -12.57 20.94 -13.93
C TYR B 223 -12.62 20.02 -15.15
N TYR B 224 -12.77 18.72 -14.92
CA TYR B 224 -13.17 17.78 -15.96
C TYR B 224 -14.23 16.81 -15.44
N MET B 225 -14.99 16.22 -16.36
CA MET B 225 -16.10 15.35 -16.03
C MET B 225 -15.88 13.90 -16.46
N ILE B 226 -16.36 12.96 -15.64
CA ILE B 226 -16.65 11.60 -16.09
C ILE B 226 -18.16 11.33 -15.96
N GLY B 227 -18.88 11.65 -17.03
CA GLY B 227 -20.34 11.65 -17.01
C GLY B 227 -20.84 12.79 -16.15
N GLU B 228 -21.59 12.45 -15.11
CA GLU B 228 -22.09 13.44 -14.18
C GLU B 228 -21.14 13.77 -13.03
N GLN B 229 -20.10 12.95 -12.85
CA GLN B 229 -19.17 13.15 -11.75
C GLN B 229 -18.09 14.17 -12.09
N LYS B 230 -17.91 15.15 -11.22
CA LYS B 230 -16.98 16.25 -11.45
C LYS B 230 -15.67 16.09 -10.68
N PHE B 231 -14.57 16.37 -11.37
CA PHE B 231 -13.26 16.40 -10.75
C PHE B 231 -12.60 17.77 -10.97
N SER B 232 -11.84 18.20 -9.97
CA SER B 232 -11.11 19.45 -10.00
C SER B 232 -9.86 19.37 -10.86
N SER B 233 -9.40 20.52 -11.33
CA SER B 233 -8.12 20.66 -12.04
C SER B 233 -7.48 21.97 -11.65
N LEU B 234 -6.15 22.00 -11.62
CA LEU B 234 -5.43 23.26 -11.37
C LEU B 234 -5.29 24.02 -12.69
N PRO B 235 -5.94 25.20 -12.79
CA PRO B 235 -5.97 26.01 -14.02
C PRO B 235 -4.62 26.69 -14.24
N LEU B 236 -3.74 26.01 -14.98
CA LEU B 236 -2.39 26.52 -15.20
C LEU B 236 -2.16 26.96 -16.63
N GLY B 237 -1.50 28.11 -16.77
CA GLY B 237 -1.11 28.60 -18.07
C GLY B 237 0.30 28.17 -18.42
N ARG B 238 0.69 28.42 -19.66
CA ARG B 238 2.01 28.00 -20.14
C ARG B 238 3.16 28.60 -19.33
N GLU B 239 3.07 29.90 -19.01
CA GLU B 239 4.09 30.57 -18.20
C GLU B 239 4.28 29.89 -16.84
N ALA B 240 3.17 29.54 -16.20
CA ALA B 240 3.15 28.98 -14.85
C ALA B 240 3.76 27.58 -14.80
N VAL B 241 3.31 26.72 -15.72
CA VAL B 241 3.89 25.38 -15.88
C VAL B 241 5.40 25.47 -16.13
N GLU B 242 5.80 26.26 -17.13
CA GLU B 242 7.21 26.42 -17.49
C GLU B 242 8.07 26.97 -16.37
N ALA B 243 7.56 27.96 -15.63
CA ALA B 243 8.28 28.49 -14.47
C ALA B 243 8.44 27.46 -13.35
N ALA B 244 7.39 26.68 -13.08
CA ALA B 244 7.40 25.73 -11.98
C ALA B 244 8.34 24.54 -12.21
N VAL B 245 8.40 24.08 -13.45
CA VAL B 245 9.28 23.00 -13.86
C VAL B 245 10.75 23.43 -13.80
N LYS B 246 11.03 24.65 -14.24
CA LYS B 246 12.37 25.24 -14.12
C LYS B 246 12.82 25.36 -12.65
N GLU B 247 11.96 25.93 -11.81
CA GLU B 247 12.23 26.05 -10.38
C GLU B 247 12.49 24.69 -9.71
N ALA B 248 11.71 23.68 -10.13
CA ALA B 248 11.81 22.33 -9.54
C ALA B 248 13.08 21.58 -9.95
N GLY B 249 13.94 22.21 -10.74
CA GLY B 249 15.27 21.66 -11.06
C GLY B 249 15.47 21.08 -12.45
N TYR B 250 14.67 21.55 -13.41
CA TYR B 250 14.68 21.01 -14.77
C TYR B 250 14.96 22.06 -15.84
N THR B 251 15.63 21.64 -16.90
CA THR B 251 15.64 22.38 -18.16
C THR B 251 14.36 21.99 -18.91
N ILE B 252 13.84 22.90 -19.73
CA ILE B 252 12.79 22.57 -20.68
C ILE B 252 13.39 22.45 -22.07
N GLU B 253 13.26 21.25 -22.66
CA GLU B 253 13.85 20.92 -23.96
C GLU B 253 12.85 21.15 -25.09
N TRP B 254 11.58 20.92 -24.78
CA TRP B 254 10.50 21.09 -25.74
C TRP B 254 9.23 21.46 -24.99
N PHE B 255 8.55 22.49 -25.47
CA PHE B 255 7.21 22.81 -25.00
C PHE B 255 6.31 22.98 -26.20
N GLU B 256 5.25 22.17 -26.25
CA GLU B 256 4.30 22.26 -27.36
C GLU B 256 2.84 22.39 -26.88
N VAL B 257 2.17 23.41 -27.40
CA VAL B 257 0.79 23.71 -27.05
C VAL B 257 -0.14 23.39 -28.20
N ILE B 258 -1.22 22.68 -27.91
CA ILE B 258 -2.37 22.62 -28.80
C ILE B 258 -3.57 23.24 -28.07
N SER B 259 -4.24 24.18 -28.74
CA SER B 259 -5.33 24.92 -28.10
C SER B 259 -6.71 24.32 -28.45
N GLN B 260 -6.78 22.99 -28.38
CA GLN B 260 -8.04 22.30 -28.50
C GLN B 260 -8.68 22.07 -27.12
N SER B 261 -9.84 22.69 -26.90
CA SER B 261 -10.66 22.36 -25.72
C SER B 261 -11.33 20.99 -25.87
N TYR B 262 -11.59 20.31 -24.75
CA TYR B 262 -12.42 19.09 -24.76
C TYR B 262 -13.87 19.47 -25.07
N SER B 263 -14.71 18.46 -25.30
CA SER B 263 -16.13 18.72 -25.60
C SER B 263 -16.77 19.48 -24.43
N SER B 264 -17.84 20.23 -24.71
CA SER B 264 -18.48 21.13 -23.74
C SER B 264 -18.98 20.46 -22.45
N THR B 265 -19.25 19.16 -22.52
CA THR B 265 -19.69 18.38 -21.35
C THR B 265 -18.52 17.74 -20.59
N MET B 266 -17.29 17.98 -21.04
CA MET B 266 -16.15 17.22 -20.53
C MET B 266 -15.18 18.01 -19.64
N ALA B 267 -14.90 19.26 -20.02
CA ALA B 267 -13.93 20.10 -19.31
C ALA B 267 -13.98 21.53 -19.81
N ASN B 268 -13.34 22.45 -19.08
CA ASN B 268 -13.25 23.85 -19.51
C ASN B 268 -11.82 24.30 -19.86
N ASN B 269 -10.99 23.38 -20.32
CA ASN B 269 -9.61 23.68 -20.68
C ASN B 269 -9.52 24.58 -21.91
N GLU B 270 -8.48 25.41 -21.96
CA GLU B 270 -8.26 26.23 -23.14
CA GLU B 270 -8.19 26.28 -23.08
C GLU B 270 -7.13 25.63 -23.99
N GLY B 271 -6.99 24.30 -23.90
CA GLY B 271 -6.01 23.55 -24.66
C GLY B 271 -5.21 22.56 -23.82
N LEU B 272 -4.21 21.94 -24.45
CA LEU B 272 -3.29 21.01 -23.77
C LEU B 272 -1.82 21.35 -24.05
N PHE B 273 -0.94 20.90 -23.16
CA PHE B 273 0.49 21.06 -23.37
C PHE B 273 1.21 19.73 -23.29
N SER B 274 2.37 19.70 -23.94
CA SER B 274 3.32 18.62 -23.86
C SER B 274 4.67 19.29 -23.60
N LEU B 275 5.32 18.90 -22.52
CA LEU B 275 6.69 19.33 -22.29
C LEU B 275 7.69 18.17 -22.10
N VAL B 276 8.92 18.42 -22.52
CA VAL B 276 10.03 17.53 -22.25
C VAL B 276 11.04 18.34 -21.45
N GLY B 277 11.37 17.85 -20.26
CA GLY B 277 12.38 18.45 -19.41
C GLY B 277 13.52 17.49 -19.12
N ARG B 278 14.63 18.04 -18.66
CA ARG B 278 15.77 17.25 -18.24
C ARG B 278 16.13 17.66 -16.82
N LYS B 279 16.27 16.68 -15.94
CA LYS B 279 16.70 16.93 -14.58
C LYS B 279 18.20 17.26 -14.57
N LEU B 280 18.57 18.29 -13.83
CA LEU B 280 19.96 18.79 -13.85
C LEU B 280 20.93 17.83 -13.15
N SER B 281 22.18 17.82 -13.63
CA SER B 281 23.26 17.08 -12.99
C SER B 281 24.02 17.99 -12.01
N SAH C . 0.46 -7.47 16.26
CA SAH C . 0.24 -6.02 16.12
CB SAH C . 0.38 -5.58 14.66
CG SAH C . -0.68 -6.10 13.70
SD SAH C . -0.73 -5.12 12.17
C SAH C . -1.07 -5.56 16.77
O SAH C . -1.72 -6.33 17.49
OXT SAH C . -1.50 -4.42 16.63
C5' SAH C . -0.55 -6.60 11.14
C4' SAH C . 0.89 -7.07 11.01
O4' SAH C . 0.93 -8.23 10.20
C3' SAH C . 1.81 -6.05 10.37
O3' SAH C . 2.90 -5.82 11.24
C2' SAH C . 2.25 -6.69 9.06
O2' SAH C . 3.57 -6.41 8.67
C1' SAH C . 2.10 -8.17 9.40
N9 SAH C . 2.01 -9.05 8.23
C8 SAH C . 1.40 -8.80 7.03
N7 SAH C . 1.58 -9.88 6.24
C5 SAH C . 2.29 -10.80 6.93
C6 SAH C . 2.76 -12.08 6.61
N6 SAH C . 2.50 -12.60 5.42
N1 SAH C . 3.46 -12.79 7.54
C2 SAH C . 3.74 -12.26 8.78
N3 SAH C . 3.29 -11.00 9.09
C4 SAH C . 2.58 -10.29 8.18
C2 8GC D . -8.37 -5.95 10.76
C4 8GC D . -7.49 -5.10 11.58
C5 8GC D . -8.04 -4.15 12.40
C6 8GC D . -7.20 -3.36 13.17
C7 8GC D . -5.85 -3.56 13.11
C9 8GC D . -3.94 -4.72 12.26
C10 8GC D . -6.13 -5.29 11.55
N8 8GC D . -5.37 -4.51 12.31
N3 8GC D . -7.80 -7.13 10.36
O1 8GC D . -9.50 -5.58 10.49
C1 GOL E . 3.66 -26.79 27.78
O1 GOL E . 3.47 -25.39 27.84
C2 GOL E . 4.17 -27.19 26.40
O2 GOL E . 4.89 -26.13 25.81
C3 GOL E . 5.04 -28.46 26.42
O3 GOL E . 5.99 -28.47 27.48
N SAH F . -2.73 9.12 -17.28
CA SAH F . -4.10 8.80 -17.66
CB SAH F . -5.07 8.98 -16.48
CG SAH F . -5.17 10.40 -15.92
SD SAH F . -6.71 10.70 -15.00
C SAH F . -4.52 9.61 -18.88
O SAH F . -5.70 9.73 -19.20
OXT SAH F . -3.68 10.15 -19.60
C5' SAH F . -5.86 11.30 -13.52
C4' SAH F . -5.18 10.19 -12.70
O4' SAH F . -4.43 10.78 -11.66
C3' SAH F . -6.17 9.22 -12.06
O3' SAH F . -5.79 7.91 -12.40
C2' SAH F . -6.02 9.47 -10.57
O2' SAH F . -6.14 8.29 -9.80
C1' SAH F . -4.61 10.01 -10.48
N9 SAH F . -4.33 10.77 -9.25
C8 SAH F . -5.13 11.67 -8.61
N7 SAH F . -4.46 12.14 -7.53
C5 SAH F . -3.24 11.56 -7.49
C6 SAH F . -2.15 11.67 -6.61
N6 SAH F . -2.22 12.49 -5.57
N1 SAH F . -1.00 10.93 -6.85
C2 SAH F . -0.93 10.08 -7.92
N3 SAH F . -2.01 9.97 -8.77
C4 SAH F . -3.13 10.69 -8.57
C2 8GC G . -8.26 18.12 -16.87
C4 8GC G . -8.43 16.80 -17.47
C5 8GC G . -9.04 16.72 -18.70
C6 8GC G . -9.21 15.47 -19.27
C7 8GC G . -8.77 14.36 -18.58
C9 8GC G . -7.73 13.33 -16.68
C10 8GC G . -8.00 15.69 -16.81
N8 8GC G . -8.18 14.51 -17.39
N3 8GC G . -7.29 18.21 -15.91
O1 8GC G . -8.97 19.02 -17.28
C1 GOL H . 14.33 6.48 -5.14
O1 GOL H . 13.66 7.71 -4.96
C2 GOL H . 13.55 5.52 -6.07
O2 GOL H . 12.26 5.26 -5.56
C3 GOL H . 13.56 6.00 -7.53
O3 GOL H . 12.49 5.53 -8.32
#